data_7RNJ
#
_entry.id   7RNJ
#
_cell.length_a   92.642
_cell.length_b   92.642
_cell.length_c   223.408
_cell.angle_alpha   90.000
_cell.angle_beta   90.000
_cell.angle_gamma   120.000
#
_symmetry.space_group_name_H-M   'P 65 2 2'
#
loop_
_entity.id
_entity.type
_entity.pdbx_description
1 polymer 'Monoclonal antibody S2P6 Fab light chain'
2 polymer 'Monoclonal antibody S2P6 Fab heavy chain'
3 polymer 'Spike glycoprotein stem helix peptide'
4 non-polymer 'SULFATE ION'
5 water water
#
loop_
_entity_poly.entity_id
_entity_poly.type
_entity_poly.pdbx_seq_one_letter_code
_entity_poly.pdbx_strand_id
1 'polypeptide(L)'
;EIVMMQSPGTLSLSPGERATLSCRASQSVRSNYLAWYQQKPGQAPRLLIYGASSRATGIPDRFSGSGSGTDFTLTISRLE
PEDFAVYYCQQYGSSPPRFTFGPGTKVEIKRTVAAPSVFIFPPSDEQLKSGTASVVCLLNNFYPREAKVQWKVDNALQSG
NSQESVTEQDSKDSTYSLSSTLTLSKADYEKHKVYACEVTHQGLSSPVTKSFNRGEC
;
L
2 'polypeptide(L)'
;EVQLVQSGAEVKKPGASVKVSCKASGYTFTSQYMHWVRQAPGQGLEWIGIINPSGVHTSYAQKFQGRVTLTRDTSTSTLY
MELSSLRSEDTAVYYCARGSPKGAFDYWGQGTLVTVSSASTKGPSVFPLAPSSKSTSGGTAALGCLVKDYFPEPVTVSWN
SGALTSGVHTFPAVLQSSGLYSLSSVVTVPSSSLGTQTYICNVNHKPSNTKVDKRVEPKSC
;
H
3 'polypeptide(L)' DSFKEELDKYFKNH B
#
# COMPACT_ATOMS: atom_id res chain seq x y z
N GLU A 1 -10.48 -24.01 11.20
CA GLU A 1 -10.35 -23.34 9.91
C GLU A 1 -9.25 -23.99 9.08
N ILE A 2 -9.12 -23.55 7.83
CA ILE A 2 -8.11 -24.06 6.92
C ILE A 2 -6.96 -23.06 6.91
N VAL A 3 -5.82 -23.45 7.49
CA VAL A 3 -4.66 -22.58 7.57
C VAL A 3 -3.89 -22.64 6.25
N MET A 4 -3.49 -21.48 5.75
CA MET A 4 -2.75 -21.36 4.50
C MET A 4 -1.29 -21.00 4.79
N MET A 5 -0.37 -21.64 4.09
CA MET A 5 1.05 -21.36 4.20
C MET A 5 1.60 -20.96 2.84
N GLN A 6 2.66 -20.15 2.85
CA GLN A 6 3.31 -19.76 1.61
C GLN A 6 4.82 -19.74 1.83
N SER A 7 5.56 -19.96 0.74
CA SER A 7 7.00 -19.97 0.74
C SER A 7 7.44 -19.60 -0.67
N PRO A 8 8.56 -18.88 -0.83
CA PRO A 8 9.36 -18.37 0.29
C PRO A 8 8.77 -17.10 0.86
N GLY A 9 9.36 -16.57 1.94
CA GLY A 9 8.90 -15.31 2.47
C GLY A 9 9.21 -14.16 1.53
N THR A 10 10.41 -14.15 0.95
CA THR A 10 10.85 -13.13 0.02
C THR A 10 11.55 -13.80 -1.15
N LEU A 11 11.31 -13.27 -2.35
CA LEU A 11 11.91 -13.79 -3.57
C LEU A 11 12.44 -12.62 -4.40
N SER A 12 13.69 -12.71 -4.81
CA SER A 12 14.36 -11.62 -5.52
C SER A 12 14.95 -12.18 -6.81
N LEU A 13 14.43 -11.72 -7.95
CA LEU A 13 14.83 -12.24 -9.24
C LEU A 13 14.99 -11.09 -10.24
N SER A 14 15.58 -11.39 -11.39
CA SER A 14 15.85 -10.45 -12.46
C SER A 14 14.75 -10.48 -13.51
N PRO A 15 14.60 -9.43 -14.31
CA PRO A 15 13.60 -9.46 -15.38
C PRO A 15 13.91 -10.54 -16.40
N GLY A 16 12.86 -11.17 -16.91
CA GLY A 16 13.01 -12.27 -17.84
C GLY A 16 13.15 -13.63 -17.18
N GLU A 17 13.46 -13.68 -15.89
CA GLU A 17 13.57 -14.95 -15.19
C GLU A 17 12.19 -15.45 -14.78
N ARG A 18 12.17 -16.64 -14.19
CA ARG A 18 10.93 -17.32 -13.81
C ARG A 18 10.82 -17.37 -12.29
N ALA A 19 9.69 -16.90 -11.78
CA ALA A 19 9.42 -16.92 -10.34
C ALA A 19 8.48 -18.07 -10.01
N THR A 20 8.79 -18.78 -8.93
CA THR A 20 8.01 -19.94 -8.50
C THR A 20 7.57 -19.73 -7.05
N LEU A 21 6.26 -19.60 -6.84
CA LEU A 21 5.68 -19.36 -5.53
C LEU A 21 4.86 -20.56 -5.10
N SER A 22 5.05 -20.97 -3.85
CA SER A 22 4.37 -22.15 -3.31
C SER A 22 3.30 -21.74 -2.30
N CYS A 23 2.24 -22.56 -2.24
CA CYS A 23 1.13 -22.35 -1.33
C CYS A 23 0.69 -23.71 -0.82
N ARG A 24 0.65 -23.87 0.51
CA ARG A 24 0.26 -25.11 1.14
C ARG A 24 -0.92 -24.87 2.06
N ALA A 25 -1.92 -25.75 1.98
CA ALA A 25 -3.13 -25.65 2.78
C ALA A 25 -3.16 -26.78 3.80
N SER A 26 -3.75 -26.49 4.98
CA SER A 26 -3.78 -27.48 6.05
C SER A 26 -4.75 -28.61 5.74
N GLN A 27 -5.77 -28.35 4.93
CA GLN A 27 -6.72 -29.36 4.46
C GLN A 27 -6.75 -29.38 2.95
N SER A 28 -7.36 -30.42 2.39
CA SER A 28 -7.53 -30.47 0.95
C SER A 28 -8.56 -29.44 0.51
N VAL A 29 -8.26 -28.71 -0.55
CA VAL A 29 -9.10 -27.60 -1.01
C VAL A 29 -10.15 -28.17 -1.96
N ARG A 30 -11.41 -28.19 -1.52
CA ARG A 30 -12.48 -28.77 -2.31
C ARG A 30 -12.64 -28.02 -3.62
N SER A 31 -12.86 -28.78 -4.70
CA SER A 31 -13.08 -28.24 -6.05
C SER A 31 -11.91 -27.42 -6.56
N ASN A 32 -10.73 -27.54 -5.93
CA ASN A 32 -9.53 -26.81 -6.33
C ASN A 32 -9.77 -25.31 -6.35
N TYR A 33 -10.57 -24.84 -5.39
CA TYR A 33 -10.90 -23.42 -5.26
C TYR A 33 -9.74 -22.69 -4.59
N LEU A 34 -8.69 -22.48 -5.37
CA LEU A 34 -7.49 -21.79 -4.89
C LEU A 34 -7.28 -20.55 -5.74
N ALA A 35 -7.11 -19.40 -5.08
CA ALA A 35 -6.95 -18.12 -5.76
C ALA A 35 -5.62 -17.48 -5.39
N TRP A 36 -5.04 -16.75 -6.34
CA TRP A 36 -3.81 -16.00 -6.16
C TRP A 36 -4.09 -14.52 -6.42
N TYR A 37 -3.67 -13.66 -5.49
CA TYR A 37 -3.90 -12.23 -5.58
C TYR A 37 -2.57 -11.49 -5.59
N GLN A 38 -2.47 -10.49 -6.47
CA GLN A 38 -1.32 -9.61 -6.55
C GLN A 38 -1.68 -8.27 -5.92
N GLN A 39 -0.88 -7.80 -4.97
CA GLN A 39 -1.08 -6.51 -4.34
C GLN A 39 0.19 -5.67 -4.46
N LYS A 40 0.11 -4.59 -5.23
CA LYS A 40 1.21 -3.65 -5.37
C LYS A 40 1.12 -2.59 -4.29
N PRO A 41 2.22 -1.88 -4.01
CA PRO A 41 2.22 -0.91 -2.90
C PRO A 41 1.14 0.15 -3.08
N GLY A 42 0.39 0.39 -2.00
CA GLY A 42 -0.64 1.40 -2.03
C GLY A 42 -1.87 1.07 -2.85
N GLN A 43 -2.00 -0.15 -3.33
CA GLN A 43 -3.13 -0.56 -4.15
C GLN A 43 -3.89 -1.67 -3.48
N ALA A 44 -5.11 -1.89 -3.96
CA ALA A 44 -5.92 -3.00 -3.49
C ALA A 44 -5.43 -4.29 -4.13
N PRO A 45 -5.72 -5.44 -3.52
CA PRO A 45 -5.37 -6.71 -4.15
C PRO A 45 -6.07 -6.83 -5.51
N ARG A 46 -5.48 -7.68 -6.35
CA ARG A 46 -5.90 -7.86 -7.72
C ARG A 46 -5.88 -9.36 -8.01
N LEU A 47 -6.97 -9.87 -8.55
CA LEU A 47 -7.10 -11.29 -8.81
C LEU A 47 -6.28 -11.69 -10.04
N LEU A 48 -5.34 -12.60 -9.86
CA LEU A 48 -4.54 -13.13 -10.95
C LEU A 48 -5.03 -14.49 -11.41
N ILE A 49 -5.26 -15.40 -10.46
CA ILE A 49 -5.61 -16.79 -10.72
C ILE A 49 -6.71 -17.18 -9.76
N TYR A 50 -7.76 -17.82 -10.27
CA TYR A 50 -8.76 -18.46 -9.44
C TYR A 50 -8.90 -19.91 -9.85
N GLY A 51 -9.59 -20.70 -9.04
CA GLY A 51 -9.77 -22.11 -9.35
C GLY A 51 -8.47 -22.83 -9.61
N ALA A 52 -7.42 -22.52 -8.83
CA ALA A 52 -6.10 -23.12 -8.92
C ALA A 52 -5.34 -22.72 -10.18
N SER A 53 -6.00 -22.68 -11.33
CA SER A 53 -5.28 -22.52 -12.58
C SER A 53 -5.93 -21.57 -13.59
N SER A 54 -7.01 -20.89 -13.22
CA SER A 54 -7.74 -20.05 -14.17
C SER A 54 -7.22 -18.61 -14.11
N ARG A 55 -6.71 -18.12 -15.24
CA ARG A 55 -6.36 -16.72 -15.34
C ARG A 55 -7.61 -15.85 -15.35
N ALA A 56 -7.63 -14.83 -14.50
CA ALA A 56 -8.71 -13.85 -14.52
C ALA A 56 -8.60 -13.01 -15.79
N THR A 57 -9.68 -12.27 -16.08
CA THR A 57 -9.74 -11.45 -17.29
C THR A 57 -8.69 -10.34 -17.23
N GLY A 58 -7.83 -10.29 -18.25
CA GLY A 58 -6.79 -9.29 -18.33
C GLY A 58 -5.42 -9.73 -17.86
N ILE A 59 -5.28 -10.97 -17.42
CA ILE A 59 -4.04 -11.47 -16.86
C ILE A 59 -3.21 -12.10 -17.98
N PRO A 60 -1.95 -11.70 -18.14
CA PRO A 60 -1.14 -12.23 -19.23
C PRO A 60 -0.87 -13.72 -19.07
N ASP A 61 -0.50 -14.35 -20.19
CA ASP A 61 -0.29 -15.79 -20.20
C ASP A 61 0.90 -16.22 -19.34
N ARG A 62 1.84 -15.31 -19.08
CA ARG A 62 3.01 -15.66 -18.28
C ARG A 62 2.65 -15.99 -16.83
N PHE A 63 1.51 -15.54 -16.34
CA PHE A 63 1.03 -15.96 -15.03
C PHE A 63 0.37 -17.33 -15.15
N SER A 64 0.72 -18.25 -14.25
CA SER A 64 0.27 -19.63 -14.37
C SER A 64 0.16 -20.25 -12.99
N GLY A 65 -0.95 -20.94 -12.73
CA GLY A 65 -1.14 -21.64 -11.49
C GLY A 65 -1.35 -23.12 -11.70
N SER A 66 -1.09 -23.92 -10.67
CA SER A 66 -1.26 -25.36 -10.76
C SER A 66 -1.35 -25.94 -9.36
N GLY A 67 -1.66 -27.24 -9.30
CA GLY A 67 -1.72 -27.96 -8.04
C GLY A 67 -3.12 -28.48 -7.76
N SER A 68 -3.19 -29.32 -6.73
CA SER A 68 -4.45 -29.88 -6.27
C SER A 68 -4.27 -30.32 -4.83
N GLY A 69 -5.39 -30.60 -4.17
CA GLY A 69 -5.38 -31.07 -2.81
C GLY A 69 -4.91 -30.03 -1.82
N THR A 70 -3.65 -30.12 -1.40
CA THR A 70 -3.07 -29.21 -0.43
C THR A 70 -1.90 -28.38 -0.97
N ASP A 71 -1.30 -28.76 -2.09
CA ASP A 71 -0.12 -28.09 -2.62
C ASP A 71 -0.47 -27.38 -3.93
N PHE A 72 -0.15 -26.09 -3.99
CA PHE A 72 -0.44 -25.29 -5.16
C PHE A 72 0.78 -24.41 -5.48
N THR A 73 0.90 -24.02 -6.74
CA THR A 73 2.06 -23.28 -7.21
C THR A 73 1.64 -22.17 -8.17
N LEU A 74 2.26 -21.00 -8.02
CA LEU A 74 2.11 -19.91 -8.97
C LEU A 74 3.44 -19.62 -9.62
N THR A 75 3.48 -19.63 -10.95
CA THR A 75 4.70 -19.41 -11.72
C THR A 75 4.56 -18.17 -12.57
N ILE A 76 5.50 -17.23 -12.41
CA ILE A 76 5.50 -15.99 -13.17
C ILE A 76 6.66 -16.00 -14.15
N SER A 77 6.43 -16.52 -15.35
CA SER A 77 7.47 -16.51 -16.37
C SER A 77 7.67 -15.09 -16.90
N ARG A 78 8.84 -14.87 -17.49
CA ARG A 78 9.20 -13.61 -18.14
C ARG A 78 8.89 -12.42 -17.21
N LEU A 79 9.57 -12.42 -16.06
CA LEU A 79 9.32 -11.41 -15.05
CA LEU A 79 9.32 -11.41 -15.05
C LEU A 79 9.58 -10.01 -15.61
N GLU A 80 8.78 -9.05 -15.17
CA GLU A 80 8.87 -7.67 -15.62
C GLU A 80 8.96 -6.76 -14.41
N PRO A 81 9.54 -5.58 -14.58
CA PRO A 81 9.62 -4.65 -13.44
C PRO A 81 8.28 -4.30 -12.84
N GLU A 82 7.19 -4.35 -13.63
CA GLU A 82 5.86 -4.08 -13.11
C GLU A 82 5.34 -5.18 -12.19
N ASP A 83 6.00 -6.33 -12.16
CA ASP A 83 5.56 -7.46 -11.34
C ASP A 83 5.96 -7.35 -9.88
N PHE A 84 6.61 -6.26 -9.47
CA PHE A 84 6.96 -6.05 -8.08
C PHE A 84 5.68 -5.89 -7.25
N ALA A 85 5.42 -6.86 -6.37
CA ALA A 85 4.23 -6.85 -5.53
C ALA A 85 4.34 -7.98 -4.51
N VAL A 86 3.36 -8.05 -3.61
CA VAL A 86 3.17 -9.17 -2.70
C VAL A 86 2.03 -10.04 -3.23
N TYR A 87 2.23 -11.35 -3.21
CA TYR A 87 1.27 -12.28 -3.80
C TYR A 87 0.69 -13.17 -2.70
N TYR A 88 -0.62 -13.12 -2.52
CA TYR A 88 -1.33 -13.94 -1.55
C TYR A 88 -2.08 -15.06 -2.27
N CYS A 89 -2.11 -16.23 -1.64
CA CYS A 89 -2.99 -17.31 -2.06
C CYS A 89 -4.16 -17.41 -1.10
N GLN A 90 -5.30 -17.86 -1.61
CA GLN A 90 -6.53 -17.88 -0.82
C GLN A 90 -7.38 -19.07 -1.23
N GLN A 91 -7.87 -19.80 -0.24
CA GLN A 91 -8.89 -20.82 -0.46
C GLN A 91 -10.26 -20.21 -0.21
N TYR A 92 -11.27 -20.79 -0.86
CA TYR A 92 -12.64 -20.34 -0.66
C TYR A 92 -13.57 -21.53 -0.82
N GLY A 93 -14.57 -21.62 0.05
CA GLY A 93 -15.54 -22.68 0.00
C GLY A 93 -16.93 -22.14 0.24
N SER A 94 -17.93 -22.91 -0.18
CA SER A 94 -19.29 -22.44 -0.16
C SER A 94 -20.13 -23.03 0.97
N SER A 95 -19.88 -24.28 1.33
CA SER A 95 -20.69 -24.98 2.34
C SER A 95 -19.79 -25.65 3.36
N PRO A 96 -19.52 -24.99 4.51
CA PRO A 96 -19.97 -23.63 4.82
C PRO A 96 -19.05 -22.58 4.21
N PRO A 97 -19.52 -21.33 4.12
CA PRO A 97 -18.67 -20.26 3.55
C PRO A 97 -17.40 -20.07 4.37
N ARG A 98 -16.25 -20.17 3.69
CA ARG A 98 -14.96 -20.09 4.33
C ARG A 98 -14.00 -19.41 3.37
N PHE A 99 -13.26 -18.41 3.87
CA PHE A 99 -12.32 -17.64 3.06
C PHE A 99 -11.12 -17.32 3.93
N THR A 100 -9.99 -17.96 3.65
CA THR A 100 -8.77 -17.72 4.41
C THR A 100 -7.61 -17.47 3.44
N PHE A 101 -6.75 -16.53 3.80
CA PHE A 101 -5.64 -16.09 2.96
C PHE A 101 -4.32 -16.64 3.50
N GLY A 102 -3.34 -16.67 2.61
CA GLY A 102 -1.99 -17.01 2.98
C GLY A 102 -1.26 -15.80 3.50
N PRO A 103 -0.06 -16.02 4.06
CA PRO A 103 0.70 -14.90 4.62
C PRO A 103 1.32 -13.99 3.57
N GLY A 104 1.49 -14.45 2.33
CA GLY A 104 2.03 -13.64 1.27
C GLY A 104 3.51 -13.92 0.99
N THR A 105 3.93 -13.60 -0.23
CA THR A 105 5.33 -13.75 -0.65
C THR A 105 5.74 -12.48 -1.37
N LYS A 106 6.72 -11.78 -0.81
CA LYS A 106 7.19 -10.53 -1.40
C LYS A 106 8.14 -10.85 -2.55
N VAL A 107 7.81 -10.37 -3.75
CA VAL A 107 8.65 -10.59 -4.93
C VAL A 107 9.33 -9.27 -5.28
N GLU A 108 10.65 -9.28 -5.23
CA GLU A 108 11.47 -8.12 -5.57
C GLU A 108 12.17 -8.35 -6.90
N ILE A 109 12.33 -7.29 -7.68
CA ILE A 109 12.93 -7.38 -9.00
C ILE A 109 14.35 -6.81 -8.92
N LYS A 110 15.33 -7.64 -9.28
CA LYS A 110 16.71 -7.18 -9.36
C LYS A 110 16.96 -6.48 -10.69
N ARG A 111 17.97 -5.59 -10.68
CA ARG A 111 18.37 -4.90 -11.90
C ARG A 111 19.85 -4.61 -11.84
N THR A 112 20.36 -3.98 -12.88
CA THR A 112 21.77 -3.62 -12.93
C THR A 112 22.04 -2.43 -12.01
N VAL A 113 23.32 -2.22 -11.70
CA VAL A 113 23.71 -1.14 -10.80
C VAL A 113 23.36 0.20 -11.45
N ALA A 114 22.83 1.11 -10.62
CA ALA A 114 22.48 2.46 -11.07
C ALA A 114 22.87 3.45 -9.98
N ALA A 115 23.61 4.49 -10.36
CA ALA A 115 24.14 5.45 -9.39
C ALA A 115 23.07 6.47 -9.00
N PRO A 116 23.10 6.95 -7.76
CA PRO A 116 22.10 7.92 -7.30
C PRO A 116 22.48 9.34 -7.73
N SER A 117 21.48 10.21 -7.64
CA SER A 117 21.65 11.65 -7.85
C SER A 117 21.40 12.32 -6.50
N VAL A 118 22.45 12.88 -5.92
CA VAL A 118 22.37 13.50 -4.60
C VAL A 118 21.92 14.95 -4.76
N PHE A 119 21.04 15.38 -3.85
CA PHE A 119 20.56 16.75 -3.82
C PHE A 119 20.52 17.23 -2.38
N ILE A 120 21.14 18.38 -2.11
CA ILE A 120 21.16 18.99 -0.78
C ILE A 120 20.04 20.03 -0.72
N PHE A 121 19.27 19.99 0.35
CA PHE A 121 18.18 20.95 0.58
C PHE A 121 18.34 21.59 1.94
N PRO A 122 18.86 22.81 2.01
CA PRO A 122 18.93 23.50 3.29
C PRO A 122 17.54 23.92 3.75
N PRO A 123 17.30 23.96 5.06
CA PRO A 123 15.96 24.31 5.54
C PRO A 123 15.62 25.77 5.25
N SER A 124 14.42 25.99 4.74
CA SER A 124 13.98 27.34 4.43
C SER A 124 13.78 28.15 5.72
N ASP A 125 13.65 29.46 5.55
CA ASP A 125 13.42 30.34 6.69
C ASP A 125 12.09 30.07 7.38
N GLU A 126 11.19 29.31 6.75
CA GLU A 126 9.91 29.00 7.37
C GLU A 126 10.09 28.09 8.59
N GLN A 127 10.90 27.05 8.46
CA GLN A 127 11.13 26.13 9.56
C GLN A 127 12.05 26.70 10.63
N LEU A 128 12.88 27.70 10.28
CA LEU A 128 13.77 28.31 11.25
C LEU A 128 13.03 29.18 12.26
N LYS A 129 11.82 29.64 11.92
CA LYS A 129 11.03 30.43 12.86
C LYS A 129 10.49 29.59 14.00
N SER A 130 10.41 28.27 13.84
CA SER A 130 9.93 27.36 14.86
C SER A 130 11.05 26.79 15.72
N GLY A 131 12.30 27.15 15.45
CA GLY A 131 13.42 26.65 16.23
C GLY A 131 14.05 25.41 15.64
N SER A 134 16.05 21.29 9.94
CA SER A 134 16.26 19.93 9.48
C SER A 134 16.73 19.89 8.02
N VAL A 135 18.02 19.63 7.83
CA VAL A 135 18.59 19.56 6.48
C VAL A 135 18.18 18.26 5.83
N VAL A 136 17.66 18.34 4.61
CA VAL A 136 17.12 17.20 3.89
C VAL A 136 18.07 16.84 2.75
N CYS A 137 18.59 15.61 2.78
CA CYS A 137 19.44 15.08 1.73
C CYS A 137 18.62 14.11 0.89
N LEU A 138 18.72 14.23 -0.44
CA LEU A 138 17.91 13.44 -1.36
C LEU A 138 18.79 12.58 -2.24
N LEU A 139 18.48 11.28 -2.29
CA LEU A 139 19.11 10.35 -3.21
C LEU A 139 18.03 9.85 -4.17
N ASN A 140 18.19 10.18 -5.45
CA ASN A 140 17.14 10.00 -6.44
C ASN A 140 17.51 8.88 -7.40
N ASN A 141 16.64 7.87 -7.49
CA ASN A 141 16.70 6.82 -8.51
C ASN A 141 18.01 6.04 -8.50
N PHE A 142 18.11 5.04 -7.64
CA PHE A 142 19.35 4.28 -7.54
C PHE A 142 19.04 2.82 -7.25
N TYR A 143 20.02 1.97 -7.51
CA TYR A 143 19.94 0.55 -7.23
C TYR A 143 21.34 0.03 -7.01
N PRO A 144 21.58 -0.80 -5.97
CA PRO A 144 20.59 -1.33 -5.04
C PRO A 144 20.17 -0.38 -3.92
N ARG A 145 19.38 -0.89 -2.98
CA ARG A 145 18.81 -0.05 -1.92
C ARG A 145 19.87 0.38 -0.93
N GLU A 146 20.83 -0.49 -0.63
CA GLU A 146 21.82 -0.21 0.41
C GLU A 146 22.69 0.97 0.03
N ALA A 147 22.70 1.99 0.88
CA ALA A 147 23.51 3.18 0.66
C ALA A 147 23.88 3.77 2.01
N LYS A 148 25.12 4.24 2.12
CA LYS A 148 25.63 4.84 3.35
C LYS A 148 25.55 6.35 3.22
N VAL A 149 24.64 6.97 3.96
CA VAL A 149 24.49 8.41 4.01
C VAL A 149 25.05 8.90 5.33
N GLN A 150 25.99 9.85 5.26
CA GLN A 150 26.67 10.37 6.43
C GLN A 150 26.64 11.89 6.39
N TRP A 151 26.27 12.51 7.52
CA TRP A 151 26.24 13.96 7.64
C TRP A 151 27.53 14.45 8.30
N LYS A 152 28.07 15.54 7.77
CA LYS A 152 29.31 16.14 8.28
C LYS A 152 29.12 17.65 8.35
N VAL A 153 28.84 18.16 9.56
CA VAL A 153 28.68 19.59 9.80
C VAL A 153 30.06 20.15 10.11
N ASP A 154 30.64 20.85 9.13
CA ASP A 154 32.00 21.39 9.23
C ASP A 154 33.01 20.28 9.51
N ASN A 155 32.92 19.21 8.71
CA ASN A 155 33.79 18.03 8.83
C ASN A 155 33.68 17.41 10.22
N ALA A 156 32.44 17.05 10.58
CA ALA A 156 32.14 16.40 11.86
C ALA A 156 31.04 15.38 11.63
N LEU A 157 31.39 14.10 11.69
CA LEU A 157 30.43 13.03 11.44
C LEU A 157 29.32 13.01 12.48
N GLN A 158 28.12 13.43 12.07
CA GLN A 158 26.98 13.42 12.98
C GLN A 158 26.51 11.99 13.22
N SER A 159 26.03 11.73 14.43
CA SER A 159 25.56 10.41 14.82
C SER A 159 24.37 10.56 15.75
N GLY A 160 23.21 10.06 15.32
CA GLY A 160 22.01 10.07 16.13
C GLY A 160 21.17 11.32 16.03
N ASN A 161 21.02 11.85 14.81
CA ASN A 161 20.21 13.04 14.59
C ASN A 161 19.73 13.13 13.15
N SER A 162 19.53 11.99 12.50
CA SER A 162 19.07 11.95 11.13
C SER A 162 18.04 10.82 10.97
N GLN A 163 17.01 11.08 10.17
CA GLN A 163 15.96 10.11 9.89
C GLN A 163 15.86 9.93 8.39
N GLU A 164 15.95 8.68 7.95
CA GLU A 164 15.92 8.34 6.53
C GLU A 164 14.55 7.77 6.15
N SER A 165 14.27 7.78 4.85
CA SER A 165 13.02 7.23 4.32
C SER A 165 13.25 6.82 2.87
N VAL A 166 12.88 5.58 2.55
CA VAL A 166 13.11 4.99 1.24
C VAL A 166 11.76 4.68 0.60
N THR A 167 11.60 5.06 -0.66
CA THR A 167 10.40 4.70 -1.40
C THR A 167 10.42 3.22 -1.75
N GLU A 168 9.25 2.73 -2.18
CA GLU A 168 9.18 1.37 -2.70
C GLU A 168 9.94 1.27 -4.01
N GLN A 169 10.23 0.04 -4.42
CA GLN A 169 10.90 -0.19 -5.69
C GLN A 169 9.98 0.25 -6.84
N ASP A 170 10.54 1.04 -7.76
CA ASP A 170 9.72 1.60 -8.83
C ASP A 170 9.20 0.51 -9.75
N SER A 171 7.94 0.65 -10.16
CA SER A 171 7.28 -0.35 -10.99
C SER A 171 7.71 -0.32 -12.45
N LYS A 172 8.63 0.57 -12.82
CA LYS A 172 9.09 0.67 -14.20
C LYS A 172 10.57 0.39 -14.36
N ASP A 173 11.44 1.04 -13.58
CA ASP A 173 12.88 0.84 -13.68
C ASP A 173 13.50 0.25 -12.42
N SER A 174 12.69 -0.08 -11.41
CA SER A 174 13.15 -0.82 -10.23
C SER A 174 14.21 -0.04 -9.45
N THR A 175 14.10 1.28 -9.43
CA THR A 175 15.03 2.12 -8.69
C THR A 175 14.41 2.62 -7.40
N TYR A 176 15.26 2.87 -6.41
CA TYR A 176 14.83 3.38 -5.12
C TYR A 176 15.17 4.86 -5.01
N SER A 177 14.52 5.52 -4.05
CA SER A 177 14.82 6.90 -3.72
C SER A 177 14.84 7.04 -2.20
N LEU A 178 15.86 7.72 -1.69
CA LEU A 178 16.03 7.89 -0.25
C LEU A 178 15.99 9.38 0.09
N SER A 179 15.50 9.67 1.30
CA SER A 179 15.39 11.05 1.78
C SER A 179 15.83 11.09 3.24
N SER A 180 17.01 11.65 3.48
CA SER A 180 17.50 11.86 4.83
C SER A 180 17.05 13.21 5.36
N THR A 181 16.99 13.32 6.70
CA THR A 181 16.53 14.53 7.37
C THR A 181 17.41 14.76 8.58
N LEU A 182 18.37 15.67 8.47
CA LEU A 182 19.27 16.01 9.57
C LEU A 182 18.53 16.92 10.54
N THR A 183 17.64 16.30 11.32
CA THR A 183 16.84 17.03 12.30
C THR A 183 17.70 17.54 13.44
N LYS A 186 17.24 25.24 15.86
CA LYS A 186 17.89 26.46 15.37
C LYS A 186 18.99 26.90 16.33
N ALA A 187 19.03 26.27 17.51
CA ALA A 187 20.06 26.63 18.49
C ALA A 187 21.43 26.13 18.05
N ASP A 188 21.55 24.84 17.76
CA ASP A 188 22.81 24.25 17.34
C ASP A 188 23.11 24.48 15.86
N TYR A 189 22.20 25.11 15.12
CA TYR A 189 22.40 25.33 13.69
C TYR A 189 23.16 26.63 13.41
N GLU A 190 22.90 27.68 14.19
CA GLU A 190 23.57 28.96 13.97
C GLU A 190 25.00 28.98 14.49
N LYS A 191 25.51 27.87 15.01
CA LYS A 191 26.89 27.80 15.45
C LYS A 191 27.84 27.30 14.37
N HIS A 192 27.35 26.47 13.45
CA HIS A 192 28.13 25.95 12.34
C HIS A 192 27.64 26.54 11.04
N LYS A 193 28.40 26.28 9.97
CA LYS A 193 28.10 26.92 8.68
C LYS A 193 27.95 25.91 7.55
N VAL A 194 29.03 25.19 7.24
CA VAL A 194 29.06 24.29 6.09
C VAL A 194 28.50 22.95 6.54
N TYR A 195 27.25 22.68 6.15
CA TYR A 195 26.62 21.38 6.37
C TYR A 195 26.60 20.60 5.06
N ALA A 196 26.82 19.30 5.16
CA ALA A 196 26.89 18.47 3.97
C ALA A 196 26.48 17.05 4.31
N CYS A 197 26.02 16.33 3.28
CA CYS A 197 25.73 14.91 3.38
C CYS A 197 26.58 14.17 2.35
N GLU A 198 27.29 13.14 2.79
CA GLU A 198 28.10 12.31 1.93
C GLU A 198 27.40 10.97 1.70
N VAL A 199 27.17 10.63 0.44
CA VAL A 199 26.51 9.40 0.06
C VAL A 199 27.55 8.42 -0.44
N THR A 200 27.46 7.16 0.00
CA THR A 200 28.31 6.08 -0.45
C THR A 200 27.43 5.00 -1.07
N HIS A 201 27.76 4.61 -2.30
CA HIS A 201 26.96 3.64 -3.04
C HIS A 201 27.85 2.94 -4.04
N GLN A 202 27.52 1.68 -4.34
CA GLN A 202 28.35 0.91 -5.25
C GLN A 202 28.23 1.38 -6.69
N GLY A 203 27.20 2.15 -7.02
CA GLY A 203 27.13 2.76 -8.34
C GLY A 203 28.03 3.96 -8.50
N LEU A 204 28.59 4.47 -7.41
CA LEU A 204 29.54 5.58 -7.45
C LEU A 204 30.95 5.02 -7.28
N SER A 205 31.81 5.27 -8.27
CA SER A 205 33.19 4.83 -8.17
C SER A 205 33.94 5.52 -7.05
N SER A 206 33.45 6.66 -6.58
CA SER A 206 34.03 7.41 -5.48
C SER A 206 32.91 8.03 -4.67
N PRO A 207 33.11 8.22 -3.37
CA PRO A 207 32.08 8.85 -2.55
C PRO A 207 31.79 10.28 -3.01
N VAL A 208 30.52 10.65 -2.98
CA VAL A 208 30.04 11.95 -3.43
C VAL A 208 29.49 12.70 -2.22
N THR A 209 29.74 14.00 -2.17
CA THR A 209 29.28 14.84 -1.07
C THR A 209 28.62 16.09 -1.63
N LYS A 210 27.46 16.44 -1.09
CA LYS A 210 26.75 17.66 -1.45
C LYS A 210 26.71 18.58 -0.24
N SER A 211 27.28 19.77 -0.38
CA SER A 211 27.39 20.74 0.70
C SER A 211 26.60 22.00 0.35
N PHE A 212 26.53 22.90 1.32
CA PHE A 212 25.92 24.21 1.12
C PHE A 212 26.41 25.22 2.15
N ARG A 214 25.20 28.20 4.59
CA ARG A 214 24.20 29.12 5.12
C ARG A 214 24.29 30.48 4.45
N GLY A 215 23.39 30.76 3.52
CA GLY A 215 23.37 32.04 2.84
C GLY A 215 23.05 31.94 1.36
N GLU B 1 -16.99 1.15 -17.68
CA GLU B 1 -16.29 0.56 -16.55
C GLU B 1 -17.16 0.59 -15.30
N VAL B 2 -17.27 -0.55 -14.63
CA VAL B 2 -17.96 -0.65 -13.36
C VAL B 2 -16.91 -0.74 -12.26
N GLN B 3 -17.17 -0.09 -11.13
CA GLN B 3 -16.10 0.09 -10.16
C GLN B 3 -16.67 0.26 -8.76
N LEU B 4 -16.00 -0.34 -7.77
CA LEU B 4 -16.37 -0.17 -6.38
C LEU B 4 -15.71 1.10 -5.83
N VAL B 5 -16.50 1.90 -5.11
CA VAL B 5 -16.05 3.17 -4.56
C VAL B 5 -16.39 3.20 -3.08
N GLN B 6 -15.37 3.17 -2.23
CA GLN B 6 -15.54 3.18 -0.78
C GLN B 6 -15.51 4.61 -0.24
N SER B 7 -15.94 4.76 1.01
CA SER B 7 -15.99 6.06 1.67
C SER B 7 -14.60 6.47 2.14
N GLY B 8 -14.48 7.70 2.65
CA GLY B 8 -13.20 8.19 3.11
C GLY B 8 -12.75 7.60 4.44
N ALA B 9 -11.51 7.90 4.79
CA ALA B 9 -10.92 7.42 6.04
C ALA B 9 -11.49 8.15 7.25
N GLU B 10 -11.66 7.41 8.35
CA GLU B 10 -12.18 7.96 9.60
C GLU B 10 -11.22 7.61 10.73
N VAL B 11 -11.17 8.49 11.73
CA VAL B 11 -10.42 8.26 12.96
C VAL B 11 -11.42 8.15 14.09
N LYS B 12 -11.38 7.04 14.83
CA LYS B 12 -12.34 6.78 15.89
C LYS B 12 -11.61 6.49 17.19
N LYS B 13 -12.15 7.02 18.28
CA LYS B 13 -11.63 6.71 19.59
C LYS B 13 -11.87 5.23 19.91
N PRO B 14 -11.08 4.66 20.82
CA PRO B 14 -11.36 3.30 21.29
C PRO B 14 -12.76 3.20 21.89
N GLY B 15 -13.37 2.02 21.75
CA GLY B 15 -14.72 1.80 22.20
C GLY B 15 -15.80 2.35 21.30
N ALA B 16 -15.47 3.28 20.41
CA ALA B 16 -16.43 3.84 19.49
C ALA B 16 -16.75 2.85 18.37
N SER B 17 -17.78 3.16 17.59
CA SER B 17 -18.16 2.36 16.44
C SER B 17 -17.84 3.12 15.16
N VAL B 18 -17.66 2.35 14.07
CA VAL B 18 -17.34 2.90 12.77
C VAL B 18 -18.24 2.24 11.73
N LYS B 19 -18.61 3.01 10.70
CA LYS B 19 -19.49 2.55 9.64
C LYS B 19 -18.87 2.95 8.30
N VAL B 20 -18.44 1.96 7.52
CA VAL B 20 -17.80 2.17 6.23
C VAL B 20 -18.79 1.77 5.13
N SER B 21 -18.78 2.51 4.03
CA SER B 21 -19.70 2.28 2.92
C SER B 21 -18.95 1.91 1.66
N CYS B 22 -19.70 1.32 0.72
CA CYS B 22 -19.13 0.82 -0.55
C CYS B 22 -20.22 0.92 -1.61
N LYS B 23 -20.00 1.78 -2.60
CA LYS B 23 -20.96 1.99 -3.67
C LYS B 23 -20.74 0.96 -4.78
N ALA B 24 -21.75 0.12 -5.03
CA ALA B 24 -21.63 -1.02 -5.94
C ALA B 24 -22.80 -1.01 -6.93
N SER B 25 -22.79 -0.06 -7.85
CA SER B 25 -23.84 0.07 -8.84
C SER B 25 -23.59 -0.86 -10.03
N GLY B 26 -24.66 -1.18 -10.75
CA GLY B 26 -24.51 -2.04 -11.90
C GLY B 26 -24.87 -3.48 -11.59
N TYR B 27 -25.44 -4.16 -12.59
CA TYR B 27 -25.85 -5.55 -12.41
C TYR B 27 -24.69 -6.44 -12.00
N THR B 28 -23.48 -6.13 -12.46
CA THR B 28 -22.30 -6.91 -12.09
C THR B 28 -22.17 -7.05 -10.58
N PHE B 29 -22.54 -6.01 -9.83
CA PHE B 29 -22.48 -6.02 -8.38
C PHE B 29 -23.82 -6.39 -7.74
N THR B 30 -24.92 -5.78 -8.19
CA THR B 30 -26.20 -5.96 -7.51
C THR B 30 -26.73 -7.38 -7.61
N SER B 31 -26.10 -8.24 -8.42
CA SER B 31 -26.58 -9.61 -8.60
C SER B 31 -25.62 -10.63 -8.00
N GLN B 32 -24.70 -10.21 -7.14
CA GLN B 32 -23.69 -11.11 -6.62
C GLN B 32 -23.51 -10.88 -5.12
N TYR B 33 -22.82 -11.83 -4.49
CA TYR B 33 -22.44 -11.67 -3.10
C TYR B 33 -21.27 -10.69 -2.98
N MET B 34 -21.26 -9.94 -1.89
CA MET B 34 -20.21 -8.97 -1.61
C MET B 34 -19.48 -9.34 -0.32
N HIS B 35 -18.19 -9.03 -0.28
CA HIS B 35 -17.33 -9.38 0.84
C HIS B 35 -16.64 -8.15 1.40
N TRP B 36 -16.22 -8.27 2.66
CA TRP B 36 -15.38 -7.28 3.32
C TRP B 36 -14.11 -7.95 3.81
N VAL B 37 -12.97 -7.37 3.46
CA VAL B 37 -11.66 -7.86 3.86
C VAL B 37 -10.88 -6.69 4.44
N ARG B 38 -10.24 -6.89 5.58
CA ARG B 38 -9.41 -5.86 6.17
C ARG B 38 -7.95 -6.30 6.15
N GLN B 39 -7.07 -5.31 6.33
CA GLN B 39 -5.63 -5.57 6.29
C GLN B 39 -4.95 -4.60 7.24
N ALA B 40 -4.51 -5.11 8.39
CA ALA B 40 -3.74 -4.30 9.32
C ALA B 40 -2.42 -3.88 8.68
N PRO B 41 -1.89 -2.72 9.05
CA PRO B 41 -0.66 -2.22 8.41
C PRO B 41 0.48 -3.21 8.54
N GLY B 42 1.06 -3.59 7.40
CA GLY B 42 2.15 -4.54 7.38
C GLY B 42 1.74 -5.97 7.57
N GLN B 43 0.46 -6.29 7.42
CA GLN B 43 -0.07 -7.61 7.66
C GLN B 43 -0.79 -8.11 6.41
N GLY B 44 -1.26 -9.35 6.47
CA GLY B 44 -1.97 -9.95 5.38
C GLY B 44 -3.43 -9.54 5.36
N LEU B 45 -4.18 -10.21 4.48
CA LEU B 45 -5.60 -9.94 4.31
C LEU B 45 -6.41 -10.86 5.21
N GLU B 46 -7.45 -10.30 5.84
CA GLU B 46 -8.31 -11.02 6.75
C GLU B 46 -9.76 -10.87 6.30
N TRP B 47 -10.42 -11.99 6.03
CA TRP B 47 -11.81 -11.97 5.60
C TRP B 47 -12.73 -11.65 6.77
N ILE B 48 -13.65 -10.71 6.57
CA ILE B 48 -14.59 -10.30 7.61
C ILE B 48 -15.94 -10.99 7.46
N GLY B 49 -16.54 -10.95 6.28
CA GLY B 49 -17.84 -11.57 6.09
C GLY B 49 -18.33 -11.44 4.67
N ILE B 50 -19.55 -11.93 4.45
CA ILE B 50 -20.16 -11.98 3.13
C ILE B 50 -21.64 -11.65 3.27
N ILE B 51 -22.19 -10.95 2.27
CA ILE B 51 -23.60 -10.60 2.25
C ILE B 51 -24.19 -10.93 0.88
N ASN B 52 -25.45 -11.37 0.86
CA ASN B 52 -26.09 -11.88 -0.34
C ASN B 52 -26.65 -10.74 -1.18
N PRO B 53 -27.14 -11.02 -2.40
CA PRO B 53 -27.70 -9.93 -3.23
C PRO B 53 -28.85 -9.18 -2.58
N SER B 54 -29.83 -9.88 -2.02
CA SER B 54 -30.95 -9.19 -1.40
C SER B 54 -30.60 -8.53 -0.08
N GLY B 55 -29.45 -8.84 0.50
CA GLY B 55 -29.06 -8.24 1.76
C GLY B 55 -29.64 -8.91 2.98
N VAL B 56 -30.39 -9.98 2.82
CA VAL B 56 -31.06 -10.64 3.93
C VAL B 56 -30.14 -11.63 4.65
N HIS B 57 -29.26 -12.31 3.92
CA HIS B 57 -28.41 -13.34 4.50
C HIS B 57 -26.97 -12.84 4.63
N THR B 58 -26.36 -13.12 5.79
CA THR B 58 -24.98 -12.74 6.06
C THR B 58 -24.26 -13.89 6.76
N SER B 59 -22.93 -13.91 6.63
CA SER B 59 -22.10 -14.90 7.31
C SER B 59 -20.78 -14.24 7.68
N TYR B 60 -20.48 -14.19 8.98
CA TYR B 60 -19.31 -13.49 9.48
C TYR B 60 -18.23 -14.48 9.89
N ALA B 61 -16.98 -14.03 9.79
CA ALA B 61 -15.87 -14.84 10.26
C ALA B 61 -15.94 -15.04 11.76
N GLN B 62 -15.42 -16.18 12.23
CA GLN B 62 -15.45 -16.48 13.65
C GLN B 62 -14.86 -15.35 14.49
N LYS B 63 -13.84 -14.66 14.00
CA LYS B 63 -13.21 -13.61 14.79
C LYS B 63 -14.12 -12.42 15.01
N PHE B 64 -14.99 -12.13 14.04
CA PHE B 64 -15.80 -10.91 14.05
C PHE B 64 -17.24 -11.16 14.42
N GLN B 65 -17.58 -12.37 14.85
CA GLN B 65 -18.95 -12.68 15.21
C GLN B 65 -19.37 -11.87 16.43
N GLY B 66 -20.50 -11.17 16.32
CA GLY B 66 -20.99 -10.35 17.40
C GLY B 66 -20.51 -8.93 17.41
N ARG B 67 -19.50 -8.59 16.60
CA ARG B 67 -18.97 -7.23 16.56
C ARG B 67 -19.24 -6.51 15.26
N VAL B 68 -19.45 -7.23 14.17
CA VAL B 68 -19.64 -6.64 12.85
C VAL B 68 -21.10 -6.80 12.44
N THR B 69 -21.56 -5.87 11.60
CA THR B 69 -22.90 -5.92 11.03
C THR B 69 -22.79 -5.51 9.56
N LEU B 70 -23.10 -6.43 8.66
CA LEU B 70 -23.11 -6.15 7.24
C LEU B 70 -24.54 -5.86 6.79
N THR B 71 -24.74 -4.73 6.13
CA THR B 71 -26.04 -4.35 5.58
C THR B 71 -25.86 -3.92 4.14
N ARG B 72 -26.97 -3.96 3.39
CA ARG B 72 -26.95 -3.64 1.97
C ARG B 72 -28.22 -2.89 1.60
N ASP B 73 -28.06 -1.81 0.83
CA ASP B 73 -29.18 -0.98 0.36
C ASP B 73 -29.35 -1.19 -1.13
N THR B 74 -30.42 -1.88 -1.52
CA THR B 74 -30.61 -2.21 -2.93
C THR B 74 -31.18 -1.05 -3.74
N SER B 75 -31.84 -0.10 -3.10
CA SER B 75 -32.38 1.04 -3.83
C SER B 75 -31.31 2.08 -4.17
N THR B 76 -30.16 2.01 -3.51
CA THR B 76 -29.04 2.89 -3.80
C THR B 76 -27.78 2.13 -4.16
N SER B 77 -27.82 0.79 -4.18
CA SER B 77 -26.67 -0.04 -4.53
C SER B 77 -25.47 0.27 -3.61
N THR B 78 -25.74 0.35 -2.31
CA THR B 78 -24.76 0.75 -1.32
C THR B 78 -24.61 -0.33 -0.24
N LEU B 79 -23.36 -0.71 0.05
CA LEU B 79 -23.03 -1.67 1.09
C LEU B 79 -22.47 -0.98 2.32
N TYR B 80 -22.67 -1.57 3.49
CA TYR B 80 -22.21 -0.98 4.74
C TYR B 80 -21.55 -2.04 5.61
N MET B 81 -20.52 -1.59 6.35
CA MET B 81 -19.77 -2.43 7.28
C MET B 81 -19.67 -1.65 8.59
N GLU B 82 -20.31 -2.16 9.64
CA GLU B 82 -20.28 -1.52 10.95
C GLU B 82 -19.57 -2.44 11.94
N LEU B 83 -18.58 -1.89 12.63
CA LEU B 83 -17.79 -2.62 13.61
C LEU B 83 -17.80 -1.84 14.92
N SER B 84 -18.27 -2.48 15.98
CA SER B 84 -18.44 -1.82 17.26
C SER B 84 -17.31 -2.17 18.22
N SER B 85 -17.16 -1.33 19.24
CA SER B 85 -16.16 -1.52 20.29
C SER B 85 -14.75 -1.61 19.69
N LEU B 86 -14.41 -0.59 18.90
CA LEU B 86 -13.12 -0.54 18.24
C LEU B 86 -11.99 -0.54 19.26
N ARG B 87 -11.01 -1.41 19.04
CA ARG B 87 -9.77 -1.44 19.79
C ARG B 87 -8.61 -1.12 18.84
N SER B 88 -7.40 -1.13 19.39
CA SER B 88 -6.23 -0.78 18.61
C SER B 88 -5.97 -1.77 17.49
N GLU B 89 -6.25 -3.05 17.73
CA GLU B 89 -6.01 -4.07 16.71
C GLU B 89 -6.97 -3.99 15.53
N ASP B 90 -8.03 -3.18 15.62
CA ASP B 90 -8.95 -3.02 14.50
C ASP B 90 -8.48 -1.99 13.49
N THR B 91 -7.41 -1.26 13.79
CA THR B 91 -6.86 -0.28 12.86
C THR B 91 -6.35 -0.98 11.61
N ALA B 92 -7.01 -0.74 10.47
CA ALA B 92 -6.69 -1.47 9.26
C ALA B 92 -7.28 -0.74 8.07
N VAL B 93 -6.85 -1.13 6.88
CA VAL B 93 -7.52 -0.73 5.65
C VAL B 93 -8.60 -1.77 5.36
N TYR B 94 -9.85 -1.31 5.36
CA TYR B 94 -11.01 -2.17 5.16
C TYR B 94 -11.40 -2.12 3.69
N TYR B 95 -11.30 -3.25 3.02
CA TYR B 95 -11.64 -3.36 1.61
C TYR B 95 -13.03 -3.94 1.45
N CYS B 96 -13.68 -3.55 0.36
CA CYS B 96 -14.93 -4.16 -0.07
CA CYS B 96 -14.95 -4.11 -0.09
C CYS B 96 -14.68 -4.82 -1.41
N ALA B 97 -14.99 -6.10 -1.51
CA ALA B 97 -14.69 -6.88 -2.69
C ALA B 97 -15.94 -7.58 -3.18
N ARG B 98 -16.01 -7.74 -4.51
CA ARG B 98 -17.12 -8.45 -5.13
C ARG B 98 -16.81 -9.94 -5.20
N GLY B 99 -17.74 -10.74 -4.72
CA GLY B 99 -17.62 -12.18 -4.86
C GLY B 99 -18.04 -12.63 -6.24
N SER B 100 -17.08 -13.07 -7.04
CA SER B 100 -17.36 -13.60 -8.37
C SER B 100 -18.36 -14.76 -8.26
N PRO B 101 -19.26 -14.91 -9.23
CA PRO B 101 -20.14 -16.09 -9.24
C PRO B 101 -19.38 -17.41 -9.22
N LYS B 102 -18.11 -17.39 -9.62
CA LYS B 102 -17.23 -18.55 -9.54
C LYS B 102 -16.52 -18.66 -8.20
N GLY B 103 -16.52 -17.61 -7.39
CA GLY B 103 -15.99 -17.71 -6.04
C GLY B 103 -15.05 -16.60 -5.62
N ALA B 104 -13.97 -16.42 -6.37
CA ALA B 104 -12.89 -15.54 -5.95
C ALA B 104 -13.34 -14.07 -5.99
N PHE B 105 -12.52 -13.21 -5.39
CA PHE B 105 -12.81 -11.78 -5.29
C PHE B 105 -12.15 -11.10 -6.49
N ASP B 106 -12.93 -10.86 -7.54
CA ASP B 106 -12.35 -10.29 -8.76
C ASP B 106 -12.49 -8.79 -8.86
N TYR B 107 -13.35 -8.16 -8.06
CA TYR B 107 -13.49 -6.71 -8.02
C TYR B 107 -13.22 -6.24 -6.60
N TRP B 108 -12.36 -5.24 -6.46
CA TRP B 108 -12.00 -4.71 -5.14
C TRP B 108 -12.18 -3.21 -5.13
N GLY B 109 -12.66 -2.69 -4.00
CA GLY B 109 -12.65 -1.26 -3.78
C GLY B 109 -11.24 -0.78 -3.47
N GLN B 110 -11.08 0.55 -3.49
CA GLN B 110 -9.76 1.12 -3.24
C GLN B 110 -9.32 0.99 -1.79
N GLY B 111 -10.25 0.74 -0.88
CA GLY B 111 -9.95 0.55 0.52
C GLY B 111 -10.29 1.76 1.37
N THR B 112 -10.54 1.50 2.66
CA THR B 112 -10.82 2.55 3.63
C THR B 112 -9.99 2.29 4.88
N LEU B 113 -9.17 3.26 5.27
CA LEU B 113 -8.33 3.15 6.45
C LEU B 113 -9.08 3.64 7.67
N VAL B 114 -9.14 2.83 8.71
CA VAL B 114 -9.77 3.19 9.98
C VAL B 114 -8.69 3.20 11.04
N THR B 115 -8.50 4.36 11.66
CA THR B 115 -7.47 4.56 12.68
C THR B 115 -8.15 4.64 14.05
N VAL B 116 -7.84 3.69 14.91
CA VAL B 116 -8.38 3.67 16.27
C VAL B 116 -7.25 4.15 17.18
N SER B 117 -7.23 5.45 17.46
CA SER B 117 -6.20 6.07 18.28
C SER B 117 -6.85 6.93 19.35
N SER B 118 -6.28 6.90 20.55
CA SER B 118 -6.71 7.78 21.63
C SER B 118 -6.13 9.18 21.50
N ALA B 119 -5.00 9.32 20.81
CA ALA B 119 -4.37 10.62 20.65
C ALA B 119 -5.20 11.51 19.73
N SER B 120 -5.11 12.81 19.98
CA SER B 120 -5.85 13.78 19.18
C SER B 120 -5.29 13.84 17.77
N THR B 121 -6.15 14.27 16.85
CA THR B 121 -5.77 14.37 15.44
C THR B 121 -4.90 15.59 15.19
N GLY B 123 -3.00 18.14 12.05
CA GLY B 123 -2.64 19.39 11.42
C GLY B 123 -1.17 19.48 11.03
N PRO B 124 -0.85 19.04 9.82
CA PRO B 124 0.54 19.08 9.37
C PRO B 124 0.99 20.48 9.00
N SER B 125 2.31 20.65 8.98
CA SER B 125 2.95 21.92 8.60
C SER B 125 3.91 21.66 7.45
N VAL B 126 3.83 22.50 6.42
CA VAL B 126 4.64 22.36 5.22
C VAL B 126 5.67 23.48 5.19
N PHE B 127 6.87 23.16 4.72
CA PHE B 127 7.96 24.14 4.66
C PHE B 127 8.69 24.07 3.31
N GLY B 139 22.41 19.75 -15.78
CA GLY B 139 21.46 18.70 -16.07
C GLY B 139 20.03 19.10 -15.78
N THR B 140 19.42 18.44 -14.81
CA THR B 140 18.05 18.70 -14.39
C THR B 140 18.03 19.26 -12.97
N ALA B 141 16.84 19.63 -12.52
CA ALA B 141 16.60 20.21 -11.21
C ALA B 141 15.60 19.35 -10.44
N ALA B 142 15.39 19.72 -9.17
CA ALA B 142 14.49 18.95 -8.30
C ALA B 142 13.93 19.89 -7.24
N LEU B 143 12.64 19.71 -6.95
CA LEU B 143 11.94 20.49 -5.93
C LEU B 143 11.16 19.54 -5.03
N GLY B 144 10.84 20.01 -3.83
CA GLY B 144 10.17 19.16 -2.87
C GLY B 144 9.42 19.97 -1.82
N CYS B 145 8.54 19.26 -1.12
CA CYS B 145 7.73 19.85 -0.04
C CYS B 145 7.86 18.98 1.20
N LEU B 146 8.34 19.58 2.28
CA LEU B 146 8.52 18.87 3.54
C LEU B 146 7.28 19.02 4.40
N VAL B 147 6.68 17.90 4.78
CA VAL B 147 5.48 17.87 5.60
C VAL B 147 5.82 17.14 6.89
N LYS B 148 5.86 17.87 8.00
CA LYS B 148 6.24 17.32 9.29
C LYS B 148 5.15 17.59 10.32
N ASP B 149 5.22 16.85 11.43
CA ASP B 149 4.29 17.00 12.55
C ASP B 149 2.84 16.80 12.14
N TYR B 150 2.39 15.54 12.07
CA TYR B 150 1.03 15.23 11.68
C TYR B 150 0.61 13.91 12.31
N PHE B 151 -0.68 13.78 12.58
CA PHE B 151 -1.24 12.56 13.16
C PHE B 151 -2.76 12.63 13.01
N PRO B 152 -3.42 11.52 12.64
CA PRO B 152 -2.77 10.27 12.25
C PRO B 152 -2.53 10.16 10.74
N GLU B 153 -2.12 8.98 10.29
CA GLU B 153 -1.93 8.75 8.87
C GLU B 153 -3.30 8.74 8.16
N PRO B 154 -3.34 9.09 6.87
CA PRO B 154 -2.23 9.56 6.05
C PRO B 154 -2.25 11.06 5.78
N VAL B 155 -1.44 11.49 4.82
CA VAL B 155 -1.40 12.88 4.37
C VAL B 155 -1.07 12.88 2.89
N THR B 156 -2.09 12.94 2.04
CA THR B 156 -1.90 12.82 0.61
C THR B 156 -1.07 13.99 0.08
N VAL B 157 -0.39 13.75 -1.05
CA VAL B 157 0.50 14.74 -1.65
C VAL B 157 0.31 14.68 -3.17
N SER B 158 -0.10 15.80 -3.76
CA SER B 158 -0.27 15.92 -5.19
C SER B 158 0.49 17.14 -5.68
N TRP B 159 0.82 17.15 -6.97
CA TRP B 159 1.59 18.22 -7.59
C TRP B 159 0.81 18.78 -8.76
N ASN B 160 0.54 20.09 -8.71
CA ASN B 160 -0.18 20.80 -9.78
C ASN B 160 -1.52 20.13 -10.07
N SER B 161 -2.25 19.80 -9.00
CA SER B 161 -3.55 19.14 -9.10
C SER B 161 -3.47 17.83 -9.89
N GLY B 162 -2.36 17.10 -9.71
CA GLY B 162 -2.16 15.85 -10.39
C GLY B 162 -1.76 15.94 -11.85
N ALA B 163 -1.58 17.15 -12.38
CA ALA B 163 -1.19 17.28 -13.78
C ALA B 163 0.22 16.78 -14.02
N LEU B 164 1.10 16.92 -13.04
CA LEU B 164 2.48 16.44 -13.14
C LEU B 164 2.59 15.15 -12.34
N THR B 165 2.60 14.02 -13.05
CA THR B 165 2.71 12.71 -12.41
C THR B 165 3.91 11.92 -12.91
N SER B 166 4.77 12.53 -13.73
CA SER B 166 5.95 11.86 -14.27
C SER B 166 7.18 12.42 -13.55
N GLY B 167 7.71 11.65 -12.61
CA GLY B 167 8.87 12.06 -11.84
C GLY B 167 8.61 12.35 -10.37
N VAL B 168 7.40 12.12 -9.89
CA VAL B 168 7.05 12.42 -8.51
C VAL B 168 7.53 11.29 -7.61
N HIS B 169 8.01 11.66 -6.42
CA HIS B 169 8.41 10.67 -5.41
C HIS B 169 7.89 11.18 -4.06
N THR B 170 6.80 10.58 -3.59
CA THR B 170 6.22 10.91 -2.28
C THR B 170 6.70 9.86 -1.30
N PHE B 171 7.66 10.22 -0.47
CA PHE B 171 8.23 9.28 0.49
C PHE B 171 7.19 8.94 1.57
N PRO B 172 7.29 7.74 2.14
CA PRO B 172 6.40 7.39 3.26
C PRO B 172 6.74 8.20 4.50
N ALA B 173 5.76 8.29 5.41
CA ALA B 173 5.93 9.04 6.63
C ALA B 173 6.84 8.28 7.59
N VAL B 174 7.41 9.03 8.54
CA VAL B 174 8.29 8.45 9.54
C VAL B 174 7.77 8.73 10.94
N SER B 177 10.32 10.95 16.55
CA SER B 177 10.72 11.02 17.95
C SER B 177 9.60 11.57 18.83
N SER B 178 9.05 12.72 18.44
CA SER B 178 7.97 13.36 19.19
C SER B 178 6.66 12.59 19.11
N GLY B 179 6.53 11.66 18.17
CA GLY B 179 5.30 10.92 17.99
C GLY B 179 4.41 11.41 16.86
N LEU B 180 4.90 12.31 16.02
CA LEU B 180 4.12 12.86 14.92
C LEU B 180 4.74 12.44 13.59
N TYR B 181 3.89 12.16 12.61
CA TYR B 181 4.36 11.71 11.31
C TYR B 181 5.05 12.85 10.55
N SER B 182 5.93 12.46 9.62
CA SER B 182 6.64 13.43 8.80
C SER B 182 7.08 12.74 7.52
N LEU B 183 6.63 13.26 6.38
CA LEU B 183 6.98 12.71 5.07
C LEU B 183 7.37 13.85 4.14
N SER B 184 7.96 13.49 3.00
CA SER B 184 8.36 14.45 2.00
C SER B 184 7.90 13.97 0.63
N SER B 185 7.66 14.93 -0.26
CA SER B 185 7.27 14.64 -1.64
C SER B 185 8.20 15.41 -2.56
N VAL B 186 8.94 14.70 -3.40
CA VAL B 186 9.92 15.30 -4.29
C VAL B 186 9.46 15.11 -5.73
N VAL B 187 10.06 15.91 -6.62
CA VAL B 187 9.76 15.88 -8.05
C VAL B 187 10.99 16.38 -8.78
N THR B 188 11.13 15.96 -10.03
CA THR B 188 12.26 16.34 -10.88
C THR B 188 11.76 17.09 -12.10
N VAL B 189 12.45 18.17 -12.44
CA VAL B 189 12.05 19.02 -13.56
C VAL B 189 13.31 19.57 -14.23
N PRO B 190 13.29 19.85 -15.52
CA PRO B 190 14.47 20.44 -16.17
C PRO B 190 14.74 21.85 -15.68
N SER B 191 15.94 22.34 -15.99
CA SER B 191 16.34 23.67 -15.54
C SER B 191 15.59 24.77 -16.27
N SER B 192 15.17 24.51 -17.52
CA SER B 192 14.46 25.53 -18.29
C SER B 192 13.01 25.69 -17.84
N SER B 193 12.39 24.62 -17.34
CA SER B 193 11.01 24.67 -16.90
C SER B 193 10.82 25.35 -15.55
N LEU B 194 11.91 25.81 -14.93
CA LEU B 194 11.80 26.44 -13.61
C LEU B 194 11.09 27.78 -13.71
N GLY B 195 11.55 28.66 -14.60
CA GLY B 195 10.94 29.97 -14.75
C GLY B 195 9.65 30.01 -15.56
N THR B 196 9.32 28.92 -16.24
CA THR B 196 8.11 28.88 -17.08
C THR B 196 6.91 28.28 -16.34
N GLN B 197 7.08 27.08 -15.78
CA GLN B 197 5.99 26.38 -15.11
C GLN B 197 6.05 26.64 -13.62
N THR B 198 4.92 27.06 -13.05
CA THR B 198 4.79 27.32 -11.62
C THR B 198 3.90 26.24 -11.02
N TYR B 199 4.49 25.30 -10.29
CA TYR B 199 3.77 24.19 -9.71
C TYR B 199 3.78 24.30 -8.19
N ILE B 200 2.68 23.84 -7.58
CA ILE B 200 2.52 23.84 -6.14
C ILE B 200 2.11 22.44 -5.69
N CYS B 201 2.61 22.02 -4.53
CA CYS B 201 2.28 20.72 -3.97
C CYS B 201 1.00 20.80 -3.17
N ASN B 202 0.16 19.77 -3.31
CA ASN B 202 -1.17 19.73 -2.69
C ASN B 202 -1.14 18.69 -1.56
N VAL B 203 -1.03 19.16 -0.33
CA VAL B 203 -1.00 18.28 0.84
C VAL B 203 -2.40 17.75 1.15
N HIS B 205 -4.39 15.94 4.51
CA HIS B 205 -4.65 15.24 5.76
C HIS B 205 -6.13 15.21 6.09
N LYS B 206 -6.82 14.13 5.71
CA LYS B 206 -8.27 14.06 5.95
C LYS B 206 -8.62 14.01 7.43
N PRO B 207 -7.91 13.30 8.32
CA PRO B 207 -8.32 13.31 9.73
C PRO B 207 -8.35 14.70 10.34
N SER B 208 -7.36 15.54 10.03
CA SER B 208 -7.36 16.94 10.46
C SER B 208 -8.08 17.85 9.48
N ASN B 209 -8.75 17.27 8.47
CA ASN B 209 -9.46 18.01 7.41
C ASN B 209 -8.70 19.25 6.96
N THR B 210 -7.41 19.07 6.70
CA THR B 210 -6.54 20.14 6.24
C THR B 210 -6.15 19.88 4.78
N LYS B 211 -6.10 20.96 3.99
CA LYS B 211 -5.77 20.89 2.57
C LYS B 211 -4.90 22.11 2.22
N VAL B 212 -3.61 22.02 2.55
CA VAL B 212 -2.67 23.10 2.30
C VAL B 212 -2.04 22.91 0.92
N ASP B 213 -1.65 24.03 0.32
CA ASP B 213 -1.02 23.99 -1.00
C ASP B 213 0.36 24.63 -0.98
N ASP C 1 -23.18 -26.69 -10.40
CA ASP C 1 -23.70 -25.37 -10.08
C ASP C 1 -22.58 -24.37 -9.82
N SER C 2 -22.86 -23.09 -10.04
CA SER C 2 -21.88 -22.05 -9.77
C SER C 2 -21.72 -21.85 -8.26
N PHE C 3 -20.61 -21.21 -7.90
CA PHE C 3 -20.33 -20.93 -6.49
C PHE C 3 -21.44 -20.09 -5.86
N LYS C 4 -21.98 -19.14 -6.63
CA LYS C 4 -23.09 -18.33 -6.12
C LYS C 4 -24.31 -19.21 -5.85
N GLU C 5 -24.57 -20.18 -6.73
CA GLU C 5 -25.69 -21.09 -6.50
C GLU C 5 -25.45 -21.99 -5.29
N GLU C 6 -24.20 -22.39 -5.05
CA GLU C 6 -23.90 -23.20 -3.88
CA GLU C 6 -23.92 -23.20 -3.87
C GLU C 6 -24.15 -22.40 -2.60
N LEU C 7 -23.82 -21.11 -2.61
CA LEU C 7 -24.11 -20.25 -1.46
C LEU C 7 -25.61 -20.09 -1.25
N ASP C 8 -26.36 -19.92 -2.34
CA ASP C 8 -27.81 -19.81 -2.23
C ASP C 8 -28.41 -21.06 -1.59
N LYS C 9 -27.85 -22.23 -1.89
CA LYS C 9 -28.31 -23.45 -1.25
C LYS C 9 -27.86 -23.54 0.20
N TYR C 10 -26.81 -22.80 0.57
CA TYR C 10 -26.36 -22.78 1.96
C TYR C 10 -27.33 -22.00 2.84
N PHE C 11 -27.70 -20.80 2.40
CA PHE C 11 -28.60 -19.95 3.18
C PHE C 11 -30.05 -20.37 3.09
N LYS C 12 -30.38 -21.42 2.31
CA LYS C 12 -31.75 -21.92 2.31
C LYS C 12 -32.08 -22.60 3.63
N ASN C 13 -31.11 -23.30 4.22
CA ASN C 13 -31.30 -23.95 5.51
C ASN C 13 -30.81 -23.12 6.69
N HIS C 14 -29.89 -22.19 6.47
CA HIS C 14 -29.39 -21.33 7.53
C HIS C 14 -30.05 -19.95 7.48
#